data_5OFP
#
_entry.id   5OFP
#
_cell.length_a   87.850
_cell.length_b   87.850
_cell.length_c   351.500
_cell.angle_alpha   90.00
_cell.angle_beta   90.00
_cell.angle_gamma   90.00
#
_symmetry.space_group_name_H-M   'P 42 2 2'
#
_entity_poly.entity_id   1
_entity_poly.type   'polypeptide(L)'
_entity_poly.pdbx_seq_one_letter_code
;MERKQKNSLFNYIYSLMDVRGKFLFFSMLFITSLSSIIISISPLILAKITDLLSGSLSNFSYEYLVLLACLYMFCVISNK
ASVFLFMILQSSLRINMQKKMSLKYLRELYNENITNLSKNNAGYTTQSLNQASNDIYILVRNVSQNILSPVIQLISTIVV
VLSTKDWFSAGVFFLYILVFVIFNTRLTGSLASLRKHSMDITLNSYSLLSDTVDNMIAAKKNNALRLISERYEDALTQEN
NAQKKYWLLSSKVLLLNSLLAVILFGSVFIYNILGVLNGVVSIGHFIMITSYIILLSTPVENIGALLSEIRQSMSSLAGF
IQRHAENKATSPSIPFLNMERKLNLSIRELSFSYSDDKKILNSVSLDLFTGKMYSLTGPSGSGKSTLVKIISGYYKNYFG
DIYLNDISLRNISDEDLNDAIYYLTQDDYIFMDTLRFNLRLANYDASENEIFKVLKLANLSVVNNEPVSLDTHLINRGNN
YSGGQKQRISLARLFLRKPAIIIIDEATSALDYINESEILSSIRTHFPDALIINISHRINLLECSDCVYVLNEGNIVASG
HFRDLMVSNEYISGLASVTE
;
_entity_poly.pdbx_strand_id   A
#
# COMPACT_ATOMS: atom_id res chain seq x y z
N LEU A 9 -9.41 11.72 3.53
CA LEU A 9 -8.14 11.28 4.13
C LEU A 9 -8.35 10.89 5.60
N PHE A 10 -9.02 11.78 6.35
CA PHE A 10 -9.30 11.60 7.78
C PHE A 10 -10.23 10.43 8.04
N ASN A 11 -11.22 10.22 7.15
CA ASN A 11 -12.20 9.14 7.28
C ASN A 11 -11.55 7.76 7.18
N TYR A 12 -10.54 7.61 6.29
CA TYR A 12 -9.79 6.37 6.07
C TYR A 12 -9.00 5.98 7.33
N ILE A 13 -8.55 6.98 8.12
CA ILE A 13 -7.80 6.75 9.37
C ILE A 13 -8.79 6.31 10.47
N TYR A 14 -9.96 6.99 10.58
CA TYR A 14 -10.99 6.66 11.57
C TYR A 14 -11.73 5.38 11.21
N SER A 15 -11.62 4.92 9.95
CA SER A 15 -12.25 3.69 9.50
C SER A 15 -11.55 2.45 10.10
N LEU A 16 -10.24 2.55 10.41
CA LEU A 16 -9.42 1.48 11.00
C LEU A 16 -9.93 1.06 12.38
N MET A 17 -10.61 1.98 13.09
CA MET A 17 -11.16 1.77 14.42
C MET A 17 -12.51 1.04 14.34
N ASP A 18 -12.58 -0.17 14.94
CA ASP A 18 -13.78 -1.02 14.98
C ASP A 18 -14.62 -0.66 16.22
N VAL A 19 -14.92 -1.65 17.09
CA VAL A 19 -15.68 -1.49 18.33
C VAL A 19 -14.71 -1.11 19.46
N ARG A 20 -13.64 -1.92 19.68
CA ARG A 20 -12.64 -1.68 20.71
C ARG A 20 -11.71 -0.52 20.29
N GLY A 21 -11.49 -0.38 18.98
CA GLY A 21 -10.67 0.69 18.42
C GLY A 21 -11.20 2.08 18.70
N LYS A 22 -12.53 2.27 18.55
CA LYS A 22 -13.21 3.54 18.79
C LYS A 22 -13.39 3.82 20.29
N PHE A 23 -13.33 2.76 21.12
CA PHE A 23 -13.49 2.81 22.57
C PHE A 23 -12.21 3.21 23.31
N LEU A 24 -11.04 2.82 22.77
CA LEU A 24 -9.74 3.11 23.36
C LEU A 24 -9.25 4.52 22.98
N PHE A 25 -9.69 5.06 21.83
CA PHE A 25 -9.33 6.40 21.35
C PHE A 25 -9.98 7.49 22.20
N PHE A 26 -11.26 7.31 22.55
CA PHE A 26 -12.00 8.25 23.40
C PHE A 26 -11.44 8.20 24.83
N SER A 27 -10.93 7.01 25.25
CA SER A 27 -10.26 6.80 26.53
C SER A 27 -8.93 7.56 26.53
N MET A 28 -8.22 7.51 25.38
CA MET A 28 -6.96 8.22 25.12
C MET A 28 -7.17 9.73 25.12
N LEU A 29 -8.30 10.17 24.52
CA LEU A 29 -8.65 11.58 24.38
C LEU A 29 -8.93 12.25 25.73
N PHE A 30 -9.68 11.58 26.63
CA PHE A 30 -10.03 12.12 27.94
C PHE A 30 -8.82 12.15 28.87
N ILE A 31 -8.23 10.97 29.17
CA ILE A 31 -7.10 10.76 30.08
C ILE A 31 -5.96 11.77 29.81
N THR A 32 -5.57 11.97 28.53
CA THR A 32 -4.49 12.90 28.17
C THR A 32 -4.92 14.37 28.39
N SER A 33 -6.17 14.71 28.02
CA SER A 33 -6.72 16.05 28.20
C SER A 33 -7.03 16.35 29.68
N LEU A 34 -7.12 15.30 30.52
CA LEU A 34 -7.37 15.43 31.96
C LEU A 34 -6.11 15.82 32.67
N SER A 35 -4.96 15.26 32.25
CA SER A 35 -3.64 15.53 32.83
C SER A 35 -3.24 17.00 32.66
N SER A 36 -3.75 17.67 31.61
CA SER A 36 -3.47 19.08 31.29
C SER A 36 -4.04 20.05 32.33
N ILE A 37 -5.19 19.70 32.95
CA ILE A 37 -5.89 20.49 33.98
C ILE A 37 -5.07 20.47 35.27
N ILE A 38 -4.80 19.26 35.80
CA ILE A 38 -4.06 19.01 37.04
C ILE A 38 -2.64 19.61 36.97
N ILE A 39 -2.03 19.63 35.77
CA ILE A 39 -0.68 20.16 35.62
C ILE A 39 -0.73 21.70 35.48
N SER A 40 -1.89 22.29 35.13
CA SER A 40 -1.99 23.74 35.00
C SER A 40 -2.05 24.43 36.37
N ILE A 41 -2.57 23.72 37.40
CA ILE A 41 -2.66 24.24 38.78
C ILE A 41 -1.29 24.18 39.43
N SER A 42 -0.44 23.22 39.01
CA SER A 42 0.91 22.97 39.55
C SER A 42 1.76 24.26 39.78
N PRO A 43 1.98 25.20 38.81
CA PRO A 43 2.80 26.40 39.12
C PRO A 43 2.20 27.32 40.21
N LEU A 44 0.84 27.44 40.25
CA LEU A 44 0.07 28.26 41.20
C LEU A 44 0.18 27.73 42.63
N ILE A 45 0.30 26.40 42.78
CA ILE A 45 0.40 25.72 44.07
C ILE A 45 1.73 26.12 44.74
N LEU A 46 2.86 26.03 44.00
CA LEU A 46 4.19 26.38 44.52
C LEU A 46 4.34 27.88 44.81
N ALA A 47 3.58 28.73 44.10
CA ALA A 47 3.59 30.18 44.30
C ALA A 47 3.08 30.54 45.70
N LYS A 48 1.94 29.93 46.13
CA LYS A 48 1.33 30.13 47.44
C LYS A 48 2.12 29.38 48.55
N ILE A 49 3.00 28.44 48.15
CA ILE A 49 3.89 27.70 49.06
C ILE A 49 5.04 28.63 49.42
N THR A 50 5.59 29.30 48.39
CA THR A 50 6.71 30.22 48.48
C THR A 50 6.28 31.53 49.23
N ASP A 51 5.14 32.14 48.82
CA ASP A 51 4.58 33.37 49.44
C ASP A 51 4.38 33.18 50.95
N LEU A 52 3.87 32.00 51.35
CA LEU A 52 3.57 31.57 52.71
C LEU A 52 4.79 31.67 53.65
N LEU A 53 6.01 31.56 53.12
CA LEU A 53 7.23 31.63 53.92
C LEU A 53 7.54 33.06 54.43
N SER A 54 6.95 34.10 53.80
CA SER A 54 7.14 35.50 54.21
C SER A 54 5.96 36.01 55.10
N GLY A 55 4.94 35.16 55.31
CA GLY A 55 3.75 35.48 56.10
C GLY A 55 3.94 35.57 57.61
N SER A 56 2.81 35.70 58.35
CA SER A 56 2.74 35.82 59.82
C SER A 56 3.38 34.61 60.55
N LEU A 57 3.31 33.41 59.93
CA LEU A 57 3.86 32.11 60.36
C LEU A 57 3.40 31.70 61.79
N SER A 58 2.07 31.64 62.01
CA SER A 58 1.46 31.21 63.28
C SER A 58 1.16 29.68 63.24
N ASN A 59 0.06 29.19 63.89
CA ASN A 59 -0.34 27.77 63.99
C ASN A 59 -0.69 27.12 62.62
N PHE A 60 -1.59 27.77 61.87
CA PHE A 60 -2.09 27.31 60.57
C PHE A 60 -1.15 27.67 59.40
N SER A 61 -0.06 28.45 59.66
CA SER A 61 0.89 28.87 58.63
C SER A 61 2.15 27.97 58.58
N TYR A 62 1.98 26.69 58.99
CA TYR A 62 3.01 25.66 58.94
C TYR A 62 2.38 24.31 58.61
N GLU A 63 1.05 24.26 58.69
CA GLU A 63 0.22 23.09 58.36
C GLU A 63 -0.22 23.22 56.90
N TYR A 64 -0.31 24.49 56.42
CA TYR A 64 -0.68 24.85 55.05
C TYR A 64 0.46 24.51 54.09
N LEU A 65 1.72 24.62 54.56
CA LEU A 65 2.91 24.29 53.78
C LEU A 65 2.94 22.77 53.53
N VAL A 66 2.57 22.00 54.56
CA VAL A 66 2.48 20.55 54.56
C VAL A 66 1.36 20.10 53.57
N LEU A 67 0.15 20.72 53.68
CA LEU A 67 -1.04 20.44 52.86
C LEU A 67 -0.78 20.64 51.36
N LEU A 68 -0.24 21.81 50.99
CA LEU A 68 0.02 22.19 49.62
C LEU A 68 1.17 21.39 49.02
N ALA A 69 2.06 20.85 49.86
CA ALA A 69 3.19 20.00 49.42
C ALA A 69 2.65 18.71 48.80
N CYS A 70 1.61 18.13 49.42
CA CYS A 70 0.94 16.93 48.92
C CYS A 70 0.16 17.30 47.67
N LEU A 71 -0.56 18.43 47.72
CA LEU A 71 -1.36 18.98 46.62
C LEU A 71 -0.52 19.20 45.38
N TYR A 72 0.73 19.64 45.54
CA TYR A 72 1.61 19.80 44.39
C TYR A 72 2.10 18.45 43.89
N MET A 73 2.45 17.54 44.83
CA MET A 73 2.97 16.21 44.50
C MET A 73 1.93 15.37 43.76
N PHE A 74 0.69 15.31 44.27
CA PHE A 74 -0.43 14.58 43.66
C PHE A 74 -0.60 14.97 42.19
N CYS A 75 -0.49 16.29 41.90
CA CYS A 75 -0.59 16.88 40.56
C CYS A 75 0.48 16.32 39.65
N VAL A 76 1.69 16.09 40.20
CA VAL A 76 2.80 15.54 39.44
C VAL A 76 2.53 14.05 39.21
N ILE A 77 2.20 13.28 40.28
CA ILE A 77 1.92 11.84 40.20
C ILE A 77 0.81 11.59 39.17
N SER A 78 -0.28 12.39 39.22
CA SER A 78 -1.43 12.28 38.30
C SER A 78 -1.02 12.44 36.83
N ASN A 79 -0.29 13.53 36.48
CA ASN A 79 0.19 13.77 35.11
C ASN A 79 1.26 12.75 34.72
N LYS A 80 2.06 12.28 35.71
CA LYS A 80 3.11 11.28 35.50
C LYS A 80 2.47 9.95 35.10
N ALA A 81 1.62 9.37 35.97
CA ALA A 81 0.94 8.11 35.72
C ALA A 81 0.07 8.17 34.46
N SER A 82 -0.35 9.38 34.05
CA SER A 82 -1.20 9.62 32.86
C SER A 82 -0.49 9.27 31.54
N VAL A 83 0.83 9.47 31.45
CA VAL A 83 1.59 9.19 30.22
C VAL A 83 1.74 7.68 30.05
N PHE A 84 1.90 6.95 31.16
CA PHE A 84 2.02 5.49 31.14
C PHE A 84 0.72 4.86 30.74
N LEU A 85 -0.41 5.51 31.12
CA LEU A 85 -1.74 5.09 30.72
C LEU A 85 -1.93 5.44 29.24
N PHE A 86 -1.31 6.54 28.78
CA PHE A 86 -1.38 6.99 27.39
C PHE A 86 -0.60 6.03 26.47
N MET A 87 0.59 5.56 26.90
CA MET A 87 1.40 4.66 26.09
C MET A 87 1.02 3.16 26.29
N ILE A 88 0.02 2.88 27.13
CA ILE A 88 -0.48 1.52 27.30
C ILE A 88 -1.75 1.42 26.44
N LEU A 89 -2.57 2.49 26.44
CA LEU A 89 -3.78 2.59 25.62
C LEU A 89 -3.39 2.58 24.14
N GLN A 90 -2.36 3.38 23.76
CA GLN A 90 -1.87 3.46 22.37
C GLN A 90 -1.22 2.13 21.96
N SER A 91 -0.49 1.46 22.87
CA SER A 91 0.13 0.17 22.57
C SER A 91 -0.95 -0.88 22.32
N SER A 92 -2.10 -0.75 23.02
CA SER A 92 -3.25 -1.62 22.81
C SER A 92 -3.90 -1.27 21.46
N LEU A 93 -3.95 0.05 21.13
CA LEU A 93 -4.50 0.60 19.89
C LEU A 93 -3.63 0.23 18.67
N ARG A 94 -2.29 0.08 18.87
CA ARG A 94 -1.32 -0.24 17.82
C ARG A 94 -1.62 -1.58 17.18
N ILE A 95 -2.05 -2.56 17.99
CA ILE A 95 -2.40 -3.91 17.54
C ILE A 95 -3.69 -3.87 16.70
N ASN A 96 -4.76 -3.27 17.26
CA ASN A 96 -6.10 -3.14 16.69
C ASN A 96 -6.13 -2.39 15.34
N MET A 97 -5.26 -1.37 15.19
CA MET A 97 -5.21 -0.56 13.97
C MET A 97 -4.07 -1.04 13.03
N GLN A 98 -3.75 -2.34 13.08
CA GLN A 98 -2.76 -3.00 12.23
C GLN A 98 -3.42 -4.14 11.46
N LYS A 99 -4.29 -4.90 12.16
CA LYS A 99 -5.09 -6.03 11.67
C LYS A 99 -5.98 -5.58 10.51
N LYS A 100 -6.80 -4.53 10.74
CA LYS A 100 -7.73 -3.94 9.78
C LYS A 100 -7.01 -2.96 8.83
N MET A 101 -5.67 -2.89 8.88
CA MET A 101 -4.87 -2.01 8.01
C MET A 101 -4.09 -2.86 6.98
N SER A 102 -3.53 -4.01 7.41
CA SER A 102 -2.77 -4.92 6.55
C SER A 102 -3.55 -5.38 5.32
N LEU A 103 -4.84 -5.66 5.51
CA LEU A 103 -5.70 -6.10 4.42
C LEU A 103 -6.25 -4.92 3.60
N LYS A 104 -6.28 -3.71 4.21
CA LYS A 104 -6.76 -2.48 3.55
C LYS A 104 -5.81 -1.97 2.46
N TYR A 105 -4.96 -2.86 1.95
CA TYR A 105 -3.99 -2.65 0.87
C TYR A 105 -3.94 -3.91 0.03
N LEU A 106 -3.95 -5.08 0.71
CA LEU A 106 -3.98 -6.41 0.11
C LEU A 106 -5.15 -6.48 -0.87
N ARG A 107 -6.33 -6.06 -0.41
CA ARG A 107 -7.57 -6.04 -1.18
C ARG A 107 -7.55 -4.86 -2.16
N GLU A 108 -6.80 -3.78 -1.85
CA GLU A 108 -6.67 -2.62 -2.72
C GLU A 108 -5.80 -2.97 -3.93
N LEU A 109 -4.81 -3.88 -3.76
CA LEU A 109 -3.89 -4.36 -4.80
C LEU A 109 -4.59 -5.33 -5.74
N TYR A 110 -5.44 -6.20 -5.17
CA TYR A 110 -6.22 -7.22 -5.88
C TYR A 110 -7.06 -6.59 -6.99
N ASN A 111 -7.87 -5.54 -6.66
CA ASN A 111 -8.77 -4.87 -7.61
C ASN A 111 -8.04 -3.93 -8.58
N GLU A 112 -6.81 -3.51 -8.25
CA GLU A 112 -6.00 -2.64 -9.11
C GLU A 112 -5.38 -3.46 -10.27
N ASN A 113 -5.11 -2.81 -11.42
CA ASN A 113 -4.57 -3.42 -12.65
C ASN A 113 -3.14 -3.97 -12.52
N ILE A 114 -2.77 -4.91 -13.41
CA ILE A 114 -1.45 -5.57 -13.50
C ILE A 114 -0.37 -4.52 -13.88
N THR A 115 -0.75 -3.47 -14.65
CA THR A 115 0.12 -2.36 -15.09
C THR A 115 0.72 -1.60 -13.86
N ASN A 116 0.15 -1.81 -12.66
CA ASN A 116 0.60 -1.24 -11.39
C ASN A 116 1.05 -2.34 -10.41
N LEU A 117 1.32 -3.55 -10.94
CA LEU A 117 1.79 -4.72 -10.19
C LEU A 117 3.04 -5.29 -10.85
N SER A 118 3.24 -4.96 -12.13
CA SER A 118 4.38 -5.35 -12.95
C SER A 118 5.52 -4.38 -12.74
N LYS A 119 5.15 -3.13 -12.36
CA LYS A 119 6.05 -2.00 -12.10
C LYS A 119 6.37 -1.88 -10.58
N ASN A 120 5.74 -2.73 -9.74
CA ASN A 120 5.94 -2.78 -8.29
C ASN A 120 6.41 -4.17 -7.87
N ASN A 121 7.52 -4.24 -7.12
CA ASN A 121 8.06 -5.51 -6.65
C ASN A 121 7.68 -5.77 -5.19
N ALA A 122 7.98 -6.99 -4.68
CA ALA A 122 7.68 -7.48 -3.33
C ALA A 122 8.18 -6.56 -2.21
N GLY A 123 9.45 -6.17 -2.27
CA GLY A 123 10.07 -5.28 -1.29
C GLY A 123 9.55 -3.86 -1.29
N TYR A 124 9.08 -3.37 -2.45
CA TYR A 124 8.54 -2.02 -2.63
C TYR A 124 7.31 -1.85 -1.75
N THR A 125 6.34 -2.76 -1.93
CA THR A 125 5.07 -2.80 -1.19
C THR A 125 5.31 -3.12 0.29
N THR A 126 6.42 -3.83 0.63
CA THR A 126 6.80 -4.17 2.02
C THR A 126 7.12 -2.88 2.78
N GLN A 127 7.59 -1.85 2.06
CA GLN A 127 7.93 -0.55 2.62
C GLN A 127 6.80 0.48 2.35
N SER A 128 6.04 0.32 1.24
CA SER A 128 4.92 1.20 0.84
C SER A 128 3.77 1.11 1.83
N LEU A 129 3.63 -0.06 2.46
CA LEU A 129 2.63 -0.33 3.48
C LEU A 129 3.21 0.01 4.86
N ASN A 130 4.54 -0.14 5.03
CA ASN A 130 5.28 0.12 6.26
C ASN A 130 5.25 1.59 6.66
N GLN A 131 5.32 2.50 5.68
CA GLN A 131 5.30 3.95 5.89
C GLN A 131 3.88 4.47 6.10
N ALA A 132 2.86 3.72 5.64
CA ALA A 132 1.45 4.08 5.79
C ALA A 132 0.99 3.95 7.24
N SER A 133 1.28 2.78 7.86
CA SER A 133 0.96 2.49 9.26
C SER A 133 1.88 3.27 10.20
N ASN A 134 3.06 3.69 9.69
CA ASN A 134 4.05 4.49 10.43
C ASN A 134 3.53 5.93 10.56
N ASP A 135 2.94 6.49 9.47
CA ASP A 135 2.42 7.86 9.43
C ASP A 135 1.06 8.00 10.14
N ILE A 136 0.14 7.01 10.01
CA ILE A 136 -1.18 7.04 10.65
C ILE A 136 -1.00 6.99 12.19
N TYR A 137 -0.15 6.07 12.70
CA TYR A 137 0.16 5.93 14.13
C TYR A 137 0.64 7.26 14.69
N ILE A 138 1.52 7.95 13.94
CA ILE A 138 2.07 9.26 14.25
C ILE A 138 0.93 10.28 14.19
N LEU A 139 0.03 10.16 13.19
CA LEU A 139 -1.12 11.06 13.07
C LEU A 139 -2.08 10.91 14.28
N VAL A 140 -2.23 9.67 14.84
CA VAL A 140 -3.06 9.40 16.02
C VAL A 140 -2.37 10.00 17.27
N ARG A 141 -1.02 9.94 17.31
CA ARG A 141 -0.17 10.48 18.37
C ARG A 141 -0.28 12.02 18.43
N ASN A 142 -0.86 12.65 17.38
CA ASN A 142 -1.07 14.09 17.27
C ASN A 142 -2.55 14.48 17.37
N VAL A 143 -3.46 13.71 16.74
CA VAL A 143 -4.91 13.94 16.76
C VAL A 143 -5.46 13.78 18.19
N SER A 144 -4.94 12.79 18.96
CA SER A 144 -5.37 12.50 20.32
C SER A 144 -4.70 13.44 21.35
N GLN A 145 -3.37 13.33 21.49
CA GLN A 145 -2.58 14.08 22.46
C GLN A 145 -2.51 15.58 22.12
N ASN A 146 -1.61 15.96 21.21
CA ASN A 146 -1.26 17.33 20.82
C ASN A 146 -2.39 18.23 20.32
N ILE A 147 -3.63 17.72 20.16
CA ILE A 147 -4.72 18.58 19.71
C ILE A 147 -5.27 19.38 20.94
N LEU A 148 -5.60 18.71 22.06
CA LEU A 148 -6.21 19.31 23.25
C LEU A 148 -5.22 19.59 24.39
N SER A 149 -4.47 18.56 24.84
CA SER A 149 -3.48 18.60 25.93
C SER A 149 -2.66 19.92 25.99
N PRO A 150 -2.06 20.46 24.90
CA PRO A 150 -1.34 21.73 25.05
C PRO A 150 -2.30 22.91 25.12
N VAL A 151 -3.34 22.92 24.27
CA VAL A 151 -4.35 23.97 24.16
C VAL A 151 -4.94 24.32 25.55
N ILE A 152 -5.30 23.28 26.35
CA ILE A 152 -5.85 23.45 27.70
C ILE A 152 -4.79 24.02 28.66
N GLN A 153 -3.55 23.52 28.58
CA GLN A 153 -2.44 23.99 29.40
C GLN A 153 -2.02 25.44 29.04
N LEU A 154 -2.24 25.84 27.78
CA LEU A 154 -1.85 27.17 27.28
C LEU A 154 -2.89 28.25 27.58
N ILE A 155 -4.19 27.97 27.37
CA ILE A 155 -5.26 28.97 27.60
C ILE A 155 -5.28 29.40 29.10
N SER A 156 -5.13 28.44 30.06
CA SER A 156 -5.10 28.71 31.51
C SER A 156 -4.06 29.77 31.82
N THR A 157 -2.86 29.61 31.25
CA THR A 157 -1.71 30.49 31.41
C THR A 157 -2.05 31.94 31.01
N ILE A 158 -2.68 32.14 29.84
CA ILE A 158 -3.02 33.46 29.31
C ILE A 158 -3.88 34.26 30.29
N VAL A 159 -4.97 33.65 30.78
CA VAL A 159 -5.91 34.33 31.68
C VAL A 159 -5.34 34.48 33.10
N VAL A 160 -4.70 33.42 33.67
CA VAL A 160 -4.12 33.44 35.03
C VAL A 160 -3.21 34.65 35.21
N VAL A 161 -2.30 34.87 34.24
CA VAL A 161 -1.36 36.00 34.24
C VAL A 161 -2.13 37.34 34.02
N LEU A 162 -3.16 37.32 33.15
CA LEU A 162 -3.99 38.49 32.87
C LEU A 162 -4.83 38.87 34.10
N SER A 163 -5.26 37.83 34.88
CA SER A 163 -6.05 37.96 36.11
C SER A 163 -5.23 38.57 37.24
N THR A 164 -3.98 38.06 37.43
CA THR A 164 -3.06 38.56 38.46
C THR A 164 -2.50 39.95 38.06
N LYS A 165 -2.93 40.47 36.88
CA LYS A 165 -2.65 41.79 36.30
C LYS A 165 -1.15 42.03 35.90
N ASP A 166 -0.49 41.01 35.34
CA ASP A 166 0.88 41.20 34.85
C ASP A 166 0.80 41.24 33.32
N TRP A 167 0.25 42.37 32.83
CA TRP A 167 -0.07 42.68 31.43
C TRP A 167 1.08 42.37 30.42
N PHE A 168 2.35 42.68 30.77
CA PHE A 168 3.51 42.42 29.90
C PHE A 168 3.66 40.93 29.66
N SER A 169 3.72 40.13 30.75
CA SER A 169 3.83 38.67 30.70
C SER A 169 2.64 38.11 29.97
N ALA A 170 1.44 38.70 30.19
CA ALA A 170 0.19 38.33 29.53
C ALA A 170 0.22 38.65 28.03
N GLY A 171 1.17 39.50 27.61
CA GLY A 171 1.37 39.89 26.22
C GLY A 171 2.41 39.05 25.51
N VAL A 172 3.63 38.98 26.09
CA VAL A 172 4.78 38.24 25.54
C VAL A 172 4.47 36.73 25.46
N PHE A 173 3.73 36.19 26.44
CA PHE A 173 3.35 34.78 26.44
C PHE A 173 2.40 34.51 25.28
N PHE A 174 1.55 35.48 24.94
CA PHE A 174 0.65 35.36 23.81
C PHE A 174 1.39 35.57 22.50
N LEU A 175 2.37 36.50 22.48
CA LEU A 175 3.19 36.84 21.30
C LEU A 175 4.03 35.65 20.82
N TYR A 176 4.55 34.82 21.74
CA TYR A 176 5.36 33.65 21.35
C TYR A 176 4.51 32.66 20.57
N ILE A 177 3.28 32.41 21.02
CA ILE A 177 2.30 31.51 20.40
C ILE A 177 1.83 32.13 19.08
N LEU A 178 1.74 33.48 19.04
CA LEU A 178 1.35 34.26 17.87
C LEU A 178 2.39 34.09 16.73
N VAL A 179 3.70 34.15 17.07
CA VAL A 179 4.83 34.04 16.15
C VAL A 179 5.13 32.56 15.80
N PHE A 180 5.28 31.67 16.81
CA PHE A 180 5.61 30.25 16.68
C PHE A 180 4.80 29.49 15.62
N VAL A 181 3.49 29.80 15.46
CA VAL A 181 2.62 29.13 14.49
C VAL A 181 3.01 29.55 13.04
N ILE A 182 3.10 30.88 12.78
CA ILE A 182 3.45 31.48 11.49
C ILE A 182 4.83 30.97 11.01
N PHE A 183 5.81 30.94 11.91
CA PHE A 183 7.18 30.49 11.64
C PHE A 183 7.22 29.02 11.21
N ASN A 184 6.49 28.15 11.91
CA ASN A 184 6.48 26.73 11.63
C ASN A 184 5.70 26.39 10.36
N THR A 185 4.42 26.82 10.24
CA THR A 185 3.53 26.55 9.09
C THR A 185 4.12 26.96 7.72
N ARG A 186 4.87 28.07 7.67
CA ARG A 186 5.51 28.60 6.47
C ARG A 186 6.69 27.70 6.05
N LEU A 187 7.47 27.22 7.05
CA LEU A 187 8.64 26.36 6.86
C LEU A 187 8.28 24.90 6.64
N THR A 188 7.16 24.43 7.23
CA THR A 188 6.67 23.04 7.12
C THR A 188 6.46 22.66 5.63
N GLY A 189 5.93 23.60 4.84
CA GLY A 189 5.66 23.46 3.41
C GLY A 189 6.69 22.68 2.63
N SER A 190 7.97 23.07 2.76
CA SER A 190 9.06 22.39 2.07
C SER A 190 9.49 21.14 2.84
N LEU A 191 9.55 21.21 4.19
CA LEU A 191 9.94 20.09 5.07
C LEU A 191 9.08 18.87 4.81
N ALA A 192 7.78 19.10 4.51
CA ALA A 192 6.82 18.06 4.18
C ALA A 192 7.24 17.36 2.89
N SER A 193 7.44 18.12 1.78
CA SER A 193 7.87 17.58 0.49
C SER A 193 9.30 17.02 0.56
N LEU A 194 10.10 17.44 1.56
CA LEU A 194 11.46 16.94 1.77
C LEU A 194 11.42 15.60 2.49
N ARG A 195 10.53 15.43 3.49
CA ARG A 195 10.34 14.15 4.19
C ARG A 195 9.65 13.20 3.23
N LYS A 196 8.77 13.74 2.36
CA LYS A 196 8.05 13.04 1.30
C LYS A 196 9.10 12.37 0.41
N HIS A 197 9.95 13.20 -0.26
CA HIS A 197 11.03 12.74 -1.14
C HIS A 197 12.02 11.84 -0.38
N SER A 198 12.35 12.19 0.89
CA SER A 198 13.25 11.40 1.74
C SER A 198 12.70 9.99 1.87
N MET A 199 11.38 9.85 2.16
CA MET A 199 10.69 8.56 2.27
C MET A 199 10.50 7.93 0.89
N ASP A 200 10.35 8.76 -0.17
CA ASP A 200 10.17 8.30 -1.55
C ASP A 200 11.43 7.68 -2.13
N ILE A 201 12.59 8.22 -1.73
CA ILE A 201 13.89 7.71 -2.15
C ILE A 201 14.25 6.53 -1.23
N THR A 202 13.86 6.60 0.09
CA THR A 202 14.01 5.50 1.06
C THR A 202 13.22 4.29 0.50
N LEU A 203 12.05 4.56 -0.16
CA LEU A 203 11.22 3.57 -0.83
C LEU A 203 12.04 2.90 -1.93
N ASN A 204 12.57 3.73 -2.83
CA ASN A 204 13.38 3.31 -3.97
C ASN A 204 14.70 2.64 -3.54
N SER A 205 15.19 2.95 -2.33
CA SER A 205 16.43 2.39 -1.78
C SER A 205 16.31 0.90 -1.51
N TYR A 206 15.09 0.42 -1.23
CA TYR A 206 14.89 -0.99 -0.97
C TYR A 206 14.16 -1.66 -2.15
N SER A 207 13.76 -0.87 -3.19
CA SER A 207 13.15 -1.36 -4.43
C SER A 207 14.17 -2.15 -5.24
N LEU A 208 15.45 -1.96 -4.91
CA LEU A 208 16.58 -2.63 -5.54
C LEU A 208 17.01 -3.84 -4.71
N LEU A 209 16.77 -3.84 -3.38
CA LEU A 209 17.07 -4.98 -2.51
C LEU A 209 16.20 -6.17 -2.89
N SER A 210 14.96 -5.86 -3.33
CA SER A 210 13.97 -6.83 -3.81
C SER A 210 14.51 -7.61 -4.99
N ASP A 211 15.09 -6.89 -5.97
CA ASP A 211 15.71 -7.46 -7.17
C ASP A 211 17.04 -8.13 -6.81
N THR A 212 17.70 -7.68 -5.71
CA THR A 212 18.99 -8.19 -5.22
C THR A 212 18.87 -9.56 -4.55
N VAL A 213 18.08 -9.65 -3.45
CA VAL A 213 17.90 -10.88 -2.65
C VAL A 213 17.22 -11.99 -3.47
N ASP A 214 16.29 -11.62 -4.36
CA ASP A 214 15.58 -12.58 -5.21
C ASP A 214 16.52 -13.25 -6.21
N ASN A 215 17.25 -12.45 -7.02
CA ASN A 215 18.16 -12.96 -8.05
C ASN A 215 19.63 -13.01 -7.59
N MET A 216 19.89 -13.24 -6.29
CA MET A 216 21.24 -13.34 -5.71
C MET A 216 21.92 -14.63 -6.20
N ILE A 217 21.13 -15.66 -6.51
CA ILE A 217 21.62 -16.96 -7.01
C ILE A 217 22.49 -16.72 -8.25
N ALA A 218 21.96 -15.99 -9.26
CA ALA A 218 22.67 -15.64 -10.50
C ALA A 218 23.93 -14.83 -10.23
N ALA A 219 23.84 -13.84 -9.31
CA ALA A 219 24.93 -12.96 -8.92
C ALA A 219 26.06 -13.78 -8.28
N LYS A 220 25.70 -14.81 -7.50
CA LYS A 220 26.65 -15.72 -6.86
C LYS A 220 27.28 -16.62 -7.92
N LYS A 221 26.50 -16.98 -8.96
CA LYS A 221 26.92 -17.84 -10.06
C LYS A 221 27.75 -17.11 -11.12
N ASN A 222 27.59 -15.77 -11.22
CA ASN A 222 28.31 -14.95 -12.19
C ASN A 222 29.40 -14.08 -11.55
N ASN A 223 29.41 -14.02 -10.20
CA ASN A 223 30.35 -13.29 -9.35
C ASN A 223 30.56 -11.82 -9.81
N ALA A 224 29.52 -11.00 -9.61
CA ALA A 224 29.52 -9.56 -9.85
C ALA A 224 29.19 -8.86 -8.55
N LEU A 225 29.69 -9.44 -7.44
CA LEU A 225 29.52 -9.01 -6.05
C LEU A 225 29.69 -7.50 -5.92
N ARG A 226 30.75 -6.97 -6.55
CA ARG A 226 31.07 -5.55 -6.58
C ARG A 226 29.90 -4.76 -7.18
N LEU A 227 29.41 -5.16 -8.38
CA LEU A 227 28.28 -4.52 -9.08
C LEU A 227 27.03 -4.49 -8.21
N ILE A 228 26.75 -5.62 -7.54
CA ILE A 228 25.62 -5.80 -6.64
C ILE A 228 25.75 -4.81 -5.47
N SER A 229 26.95 -4.74 -4.88
CA SER A 229 27.28 -3.84 -3.77
C SER A 229 27.32 -2.37 -4.21
N GLU A 230 28.02 -2.07 -5.34
CA GLU A 230 28.19 -0.72 -5.92
C GLU A 230 26.86 -0.12 -6.39
N ARG A 231 26.01 -0.91 -7.08
CA ARG A 231 24.69 -0.47 -7.54
C ARG A 231 23.82 -0.13 -6.29
N TYR A 232 23.96 -0.95 -5.22
CA TYR A 232 23.26 -0.77 -3.96
C TYR A 232 23.83 0.43 -3.19
N GLU A 233 25.15 0.64 -3.27
CA GLU A 233 25.86 1.78 -2.65
C GLU A 233 25.42 3.08 -3.31
N ASP A 234 25.13 3.04 -4.64
CA ASP A 234 24.68 4.18 -5.45
C ASP A 234 23.32 4.69 -4.96
N ALA A 235 22.36 3.77 -4.75
CA ALA A 235 21.04 4.13 -4.24
C ALA A 235 21.11 4.52 -2.76
N LEU A 236 22.05 3.89 -2.00
CA LEU A 236 22.29 4.14 -0.57
C LEU A 236 22.71 5.58 -0.32
N THR A 237 23.62 6.10 -1.16
CA THR A 237 24.08 7.47 -1.01
C THR A 237 23.03 8.43 -1.62
N GLN A 238 22.19 7.95 -2.59
CA GLN A 238 21.10 8.74 -3.19
C GLN A 238 20.06 9.04 -2.13
N GLU A 239 19.97 8.15 -1.12
CA GLU A 239 19.10 8.22 0.06
C GLU A 239 19.74 9.14 1.12
N ASN A 240 21.00 8.83 1.54
CA ASN A 240 21.77 9.57 2.55
C ASN A 240 21.80 11.07 2.24
N ASN A 241 22.19 11.44 1.00
CA ASN A 241 22.27 12.84 0.54
C ASN A 241 20.87 13.50 0.46
N ALA A 242 19.81 12.70 0.22
CA ALA A 242 18.43 13.20 0.21
C ALA A 242 17.92 13.34 1.65
N GLN A 243 18.49 12.53 2.56
CA GLN A 243 18.19 12.56 3.99
C GLN A 243 18.96 13.69 4.66
N LYS A 244 20.15 14.03 4.10
CA LYS A 244 21.00 15.13 4.53
C LYS A 244 20.25 16.44 4.32
N LYS A 245 19.70 16.63 3.09
CA LYS A 245 18.91 17.80 2.65
C LYS A 245 17.75 18.10 3.59
N TYR A 246 17.13 17.05 4.17
CA TYR A 246 16.00 17.19 5.09
C TYR A 246 16.49 17.45 6.52
N TRP A 247 17.35 16.56 7.07
CA TRP A 247 17.88 16.67 8.45
C TRP A 247 18.49 18.05 8.70
N LEU A 248 19.36 18.51 7.78
CA LEU A 248 20.03 19.79 7.86
C LEU A 248 19.04 20.91 8.08
N LEU A 249 18.03 21.01 7.19
CA LEU A 249 16.99 22.05 7.24
C LEU A 249 16.10 21.90 8.47
N SER A 250 15.79 20.67 8.87
CA SER A 250 14.95 20.40 10.03
C SER A 250 15.66 20.82 11.32
N SER A 251 16.96 20.48 11.42
CA SER A 251 17.80 20.82 12.58
C SER A 251 18.04 22.33 12.70
N LYS A 252 18.17 23.02 11.54
CA LYS A 252 18.38 24.47 11.48
C LYS A 252 17.16 25.23 11.99
N VAL A 253 15.95 24.67 11.79
CA VAL A 253 14.68 25.25 12.24
C VAL A 253 14.62 25.24 13.79
N LEU A 254 15.18 24.20 14.45
CA LEU A 254 15.22 24.08 15.91
C LEU A 254 15.93 25.27 16.55
N LEU A 255 17.24 25.44 16.23
CA LEU A 255 18.11 26.52 16.74
C LEU A 255 17.46 27.90 16.60
N LEU A 256 16.49 28.05 15.67
CA LEU A 256 15.74 29.28 15.50
C LEU A 256 14.68 29.37 16.59
N ASN A 257 13.76 28.38 16.65
CA ASN A 257 12.67 28.30 17.62
C ASN A 257 13.16 28.26 19.06
N SER A 258 14.28 27.58 19.33
CA SER A 258 14.85 27.48 20.67
C SER A 258 15.54 28.78 21.08
N LEU A 259 15.99 29.58 20.08
CA LEU A 259 16.61 30.87 20.37
C LEU A 259 15.55 31.87 20.77
N LEU A 260 14.38 31.78 20.12
CA LEU A 260 13.20 32.60 20.39
C LEU A 260 12.73 32.47 21.85
N ALA A 261 12.84 31.26 22.44
CA ALA A 261 12.47 30.97 23.84
C ALA A 261 13.41 31.69 24.81
N VAL A 262 14.64 31.90 24.38
CA VAL A 262 15.65 32.62 25.15
C VAL A 262 15.46 34.12 24.88
N ILE A 263 14.94 34.46 23.69
CA ILE A 263 14.67 35.84 23.28
C ILE A 263 13.47 36.38 24.06
N LEU A 264 12.33 35.70 23.98
CA LEU A 264 11.07 36.12 24.60
C LEU A 264 10.95 35.72 26.09
N PHE A 265 10.96 34.41 26.41
CA PHE A 265 10.80 33.92 27.79
C PHE A 265 12.02 34.23 28.67
N GLY A 266 13.18 34.43 28.04
CA GLY A 266 14.40 34.84 28.73
C GLY A 266 14.26 36.25 29.26
N SER A 267 13.72 37.16 28.41
CA SER A 267 13.49 38.58 28.73
C SER A 267 12.37 38.78 29.77
N VAL A 268 11.37 37.86 29.80
CA VAL A 268 10.27 37.89 30.78
C VAL A 268 10.86 37.55 32.15
N PHE A 269 11.75 36.52 32.20
CA PHE A 269 12.47 36.12 33.42
C PHE A 269 13.28 37.31 33.91
N ILE A 270 13.88 38.07 32.97
CA ILE A 270 14.65 39.27 33.27
C ILE A 270 13.69 40.36 33.78
N TYR A 271 12.60 40.64 33.02
CA TYR A 271 11.57 41.64 33.34
C TYR A 271 11.12 41.55 34.82
N ASN A 272 10.61 40.37 35.24
CA ASN A 272 10.10 40.14 36.60
C ASN A 272 11.21 40.13 37.66
N ILE A 273 12.43 39.64 37.32
CA ILE A 273 13.54 39.60 38.29
C ILE A 273 14.02 41.04 38.58
N LEU A 274 13.73 41.98 37.67
CA LEU A 274 14.06 43.38 37.87
C LEU A 274 13.01 44.03 38.79
N GLY A 275 11.74 43.79 38.47
CA GLY A 275 10.60 44.30 39.23
C GLY A 275 10.41 43.71 40.61
N VAL A 276 11.05 42.53 40.88
CA VAL A 276 10.95 41.87 42.18
C VAL A 276 11.92 42.50 43.19
N LEU A 277 13.17 42.82 42.76
CA LEU A 277 14.19 43.44 43.63
C LEU A 277 13.71 44.79 44.16
N ASN A 278 12.91 45.50 43.35
CA ASN A 278 12.30 46.77 43.71
C ASN A 278 11.20 46.49 44.77
N GLY A 279 9.99 46.19 44.31
CA GLY A 279 8.83 45.91 45.14
C GLY A 279 7.53 45.96 44.37
N VAL A 280 7.65 45.95 43.02
CA VAL A 280 6.55 45.96 42.04
C VAL A 280 5.96 44.54 41.97
N VAL A 281 6.85 43.54 42.06
CA VAL A 281 6.56 42.12 42.00
C VAL A 281 6.92 41.47 43.36
N SER A 282 6.03 40.61 43.88
CA SER A 282 6.27 39.88 45.14
C SER A 282 7.12 38.62 44.86
N ILE A 283 7.57 37.89 45.89
CA ILE A 283 8.40 36.68 45.73
C ILE A 283 7.60 35.62 44.96
N GLY A 284 6.37 35.36 45.41
CA GLY A 284 5.47 34.37 44.82
C GLY A 284 5.10 34.63 43.37
N HIS A 285 4.72 35.90 43.04
CA HIS A 285 4.36 36.32 41.68
C HIS A 285 5.51 36.05 40.73
N PHE A 286 6.74 36.37 41.16
CA PHE A 286 7.96 36.13 40.41
C PHE A 286 8.16 34.64 40.23
N ILE A 287 8.05 33.88 41.34
CA ILE A 287 8.22 32.43 41.40
C ILE A 287 7.18 31.73 40.49
N MET A 288 5.94 32.25 40.43
CA MET A 288 4.88 31.68 39.58
C MET A 288 5.17 31.93 38.08
N ILE A 289 5.61 33.17 37.71
CA ILE A 289 5.92 33.56 36.32
C ILE A 289 7.11 32.72 35.79
N THR A 290 8.15 32.48 36.62
CA THR A 290 9.30 31.66 36.23
C THR A 290 8.89 30.20 36.10
N SER A 291 8.06 29.69 37.05
CA SER A 291 7.55 28.31 37.05
C SER A 291 6.56 28.09 35.91
N TYR A 292 5.89 29.15 35.44
CA TYR A 292 4.96 29.07 34.32
C TYR A 292 5.76 28.84 33.05
N ILE A 293 6.82 29.65 32.80
CA ILE A 293 7.74 29.51 31.66
C ILE A 293 8.34 28.09 31.70
N ILE A 294 8.73 27.64 32.92
CA ILE A 294 9.27 26.31 33.22
C ILE A 294 8.29 25.24 32.74
N LEU A 295 6.98 25.44 32.97
CA LEU A 295 5.95 24.49 32.53
C LEU A 295 5.25 24.95 31.24
N LEU A 296 5.84 25.95 30.54
CA LEU A 296 5.34 26.43 29.27
C LEU A 296 6.12 25.82 28.11
N SER A 297 7.28 25.21 28.42
CA SER A 297 8.11 24.50 27.45
C SER A 297 7.41 23.23 26.95
N THR A 298 6.65 22.56 27.85
CA THR A 298 5.93 21.32 27.53
C THR A 298 4.79 21.58 26.50
N PRO A 299 3.83 22.54 26.65
CA PRO A 299 2.80 22.70 25.62
C PRO A 299 3.29 23.33 24.31
N VAL A 300 4.16 24.35 24.41
CA VAL A 300 4.72 25.08 23.26
C VAL A 300 5.37 24.08 22.27
N GLU A 301 6.26 23.20 22.77
CA GLU A 301 6.96 22.19 21.98
C GLU A 301 6.02 21.12 21.45
N ASN A 302 4.99 20.76 22.22
CA ASN A 302 4.04 19.75 21.80
C ASN A 302 2.99 20.37 20.84
N ILE A 303 2.94 21.72 20.73
CA ILE A 303 2.08 22.40 19.76
C ILE A 303 2.79 22.31 18.40
N GLY A 304 4.12 22.44 18.44
CA GLY A 304 4.99 22.32 17.28
C GLY A 304 4.92 20.92 16.70
N ALA A 305 4.94 19.90 17.58
CA ALA A 305 4.84 18.49 17.23
C ALA A 305 3.57 18.23 16.42
N LEU A 306 2.48 18.95 16.73
CA LEU A 306 1.21 18.86 16.02
C LEU A 306 1.36 19.44 14.62
N LEU A 307 1.64 20.75 14.52
CA LEU A 307 1.79 21.54 13.28
C LEU A 307 2.53 20.79 12.16
N SER A 308 3.71 20.23 12.47
CA SER A 308 4.60 19.56 11.53
C SER A 308 4.20 18.11 11.26
N GLU A 309 4.43 17.20 12.24
CA GLU A 309 4.17 15.75 12.16
C GLU A 309 2.88 15.42 11.43
N ILE A 310 1.80 16.20 11.67
CA ILE A 310 0.51 15.98 11.02
C ILE A 310 0.64 16.26 9.51
N ARG A 311 1.19 17.42 9.11
CA ARG A 311 1.33 17.86 7.72
C ARG A 311 2.26 16.97 6.87
N GLN A 312 3.47 16.66 7.38
CA GLN A 312 4.45 15.83 6.66
C GLN A 312 3.97 14.37 6.54
N SER A 313 3.27 13.87 7.56
CA SER A 313 2.71 12.53 7.55
C SER A 313 1.51 12.48 6.62
N MET A 314 0.67 13.55 6.59
CA MET A 314 -0.51 13.64 5.71
C MET A 314 -0.11 13.69 4.22
N SER A 315 1.04 14.31 3.88
CA SER A 315 1.51 14.37 2.50
C SER A 315 2.12 13.03 2.08
N SER A 316 2.84 12.36 3.01
CA SER A 316 3.45 11.04 2.75
C SER A 316 2.39 9.91 2.82
N LEU A 317 1.18 10.24 3.29
CA LEU A 317 0.01 9.37 3.39
C LEU A 317 -0.89 9.58 2.18
N ALA A 318 -0.83 10.80 1.59
CA ALA A 318 -1.58 11.19 0.40
C ALA A 318 -1.10 10.40 -0.81
N GLY A 319 0.19 10.03 -0.79
CA GLY A 319 0.83 9.22 -1.81
C GLY A 319 0.57 7.73 -1.61
N PHE A 320 -0.67 7.39 -1.15
CA PHE A 320 -1.17 6.05 -0.84
C PHE A 320 -2.69 5.96 -1.11
N ILE A 321 -3.35 7.11 -1.31
CA ILE A 321 -4.81 7.19 -1.55
C ILE A 321 -5.15 7.51 -3.02
N GLN A 322 -4.41 8.44 -3.66
CA GLN A 322 -4.64 8.88 -5.05
C GLN A 322 -4.01 7.94 -6.11
N ARG A 323 -3.85 6.63 -5.78
CA ARG A 323 -3.27 5.63 -6.72
C ARG A 323 -3.96 4.26 -6.61
N HIS A 324 -4.28 3.80 -5.38
CA HIS A 324 -4.92 2.50 -5.13
C HIS A 324 -6.44 2.63 -4.94
N ALA A 325 -6.91 3.62 -4.14
CA ALA A 325 -8.34 3.85 -3.91
C ALA A 325 -8.96 4.66 -5.06
N GLU A 326 -9.33 3.94 -6.16
CA GLU A 326 -9.92 4.45 -7.42
C GLU A 326 -8.85 5.21 -8.32
N ASN A 327 -9.15 5.63 -9.59
CA ASN A 327 -10.41 5.57 -10.35
C ASN A 327 -10.40 4.39 -11.34
N LYS A 328 -10.10 3.18 -10.80
CA LYS A 328 -10.04 1.88 -11.49
C LYS A 328 -11.43 1.17 -11.42
N ALA A 329 -12.06 1.18 -10.20
CA ALA A 329 -13.38 0.61 -9.92
C ALA A 329 -14.24 1.60 -9.15
N THR A 330 -15.20 2.21 -9.88
CA THR A 330 -16.19 3.20 -9.40
C THR A 330 -17.56 2.49 -9.12
N SER A 331 -17.57 1.11 -9.28
CA SER A 331 -18.68 0.11 -9.29
C SER A 331 -19.59 0.46 -10.51
N PRO A 332 -19.02 0.58 -11.75
CA PRO A 332 -19.82 1.05 -12.88
C PRO A 332 -20.38 -0.11 -13.71
N SER A 333 -19.73 -0.40 -14.87
CA SER A 333 -20.12 -1.46 -15.79
C SER A 333 -19.71 -2.82 -15.22
N ILE A 334 -20.34 -3.18 -14.07
CA ILE A 334 -20.24 -4.49 -13.40
C ILE A 334 -21.01 -5.49 -14.35
N PRO A 335 -22.17 -5.09 -15.00
CA PRO A 335 -22.83 -6.00 -15.96
C PRO A 335 -21.91 -6.49 -17.11
N PHE A 336 -22.10 -7.72 -17.57
CA PHE A 336 -23.18 -8.56 -17.08
C PHE A 336 -22.76 -10.04 -16.87
N LEU A 337 -22.27 -10.71 -17.97
CA LEU A 337 -21.90 -12.13 -18.16
C LEU A 337 -23.18 -13.02 -18.15
N ASN A 338 -23.55 -13.58 -19.33
CA ASN A 338 -24.74 -14.41 -19.50
C ASN A 338 -24.68 -15.64 -18.55
N MET A 339 -25.84 -16.00 -17.93
CA MET A 339 -25.94 -17.10 -16.94
C MET A 339 -26.04 -18.50 -17.61
N GLU A 340 -26.62 -18.60 -18.82
CA GLU A 340 -26.67 -19.84 -19.58
C GLU A 340 -25.31 -20.02 -20.33
N ARG A 341 -24.36 -19.05 -20.16
CA ARG A 341 -23.02 -18.93 -20.79
C ARG A 341 -23.15 -18.68 -22.31
N LYS A 342 -22.04 -18.75 -23.08
CA LYS A 342 -21.99 -18.43 -24.51
C LYS A 342 -22.04 -16.88 -24.61
N LEU A 343 -20.93 -16.26 -25.07
CA LEU A 343 -20.88 -14.80 -25.13
C LEU A 343 -20.26 -14.26 -26.46
N ASN A 344 -19.76 -15.17 -27.34
CA ASN A 344 -19.12 -14.86 -28.65
C ASN A 344 -17.92 -13.87 -28.49
N LEU A 345 -17.48 -13.22 -29.60
CA LEU A 345 -16.37 -12.24 -29.59
C LEU A 345 -16.44 -11.35 -30.83
N SER A 346 -16.01 -10.08 -30.66
CA SER A 346 -16.01 -9.07 -31.72
C SER A 346 -14.98 -7.96 -31.46
N ILE A 347 -13.84 -7.98 -32.17
CA ILE A 347 -12.79 -6.95 -32.07
C ILE A 347 -12.91 -6.02 -33.29
N ARG A 348 -12.82 -4.70 -33.09
CA ARG A 348 -12.93 -3.75 -34.19
C ARG A 348 -11.83 -2.67 -34.09
N GLU A 349 -10.84 -2.77 -35.02
CA GLU A 349 -9.64 -1.94 -35.20
C GLU A 349 -8.84 -1.78 -33.88
N LEU A 350 -8.09 -2.85 -33.52
CA LEU A 350 -7.24 -2.94 -32.33
C LEU A 350 -5.83 -2.44 -32.64
N SER A 351 -5.29 -1.52 -31.81
CA SER A 351 -3.94 -0.93 -31.97
C SER A 351 -3.31 -0.66 -30.60
N PHE A 352 -2.01 -1.03 -30.46
CA PHE A 352 -1.29 -0.86 -29.20
C PHE A 352 0.04 -0.11 -29.38
N SER A 353 0.44 0.65 -28.34
CA SER A 353 1.68 1.41 -28.26
C SER A 353 2.28 1.27 -26.85
N TYR A 354 3.26 0.34 -26.73
CA TYR A 354 3.98 0.05 -25.48
C TYR A 354 4.76 1.28 -25.03
N SER A 355 5.85 1.63 -25.78
CA SER A 355 6.73 2.76 -25.51
C SER A 355 6.49 3.94 -26.49
N ASP A 356 5.36 3.89 -27.25
CA ASP A 356 4.89 4.88 -28.24
C ASP A 356 5.67 4.81 -29.57
N ASP A 357 7.00 4.53 -29.49
CA ASP A 357 7.99 4.44 -30.59
C ASP A 357 7.49 3.65 -31.82
N LYS A 358 6.67 2.59 -31.62
CA LYS A 358 6.14 1.76 -32.70
C LYS A 358 4.66 1.41 -32.48
N LYS A 359 3.99 0.91 -33.54
CA LYS A 359 2.60 0.44 -33.53
C LYS A 359 2.59 -1.09 -33.52
N ILE A 360 2.29 -1.68 -32.33
CA ILE A 360 2.26 -3.13 -32.04
C ILE A 360 1.21 -3.83 -32.94
N LEU A 361 -0.04 -3.31 -32.94
CA LEU A 361 -1.16 -3.76 -33.76
C LEU A 361 -1.56 -2.60 -34.68
N ASN A 362 -1.84 -2.88 -35.96
CA ASN A 362 -2.15 -1.82 -36.91
C ASN A 362 -3.66 -1.73 -37.19
N SER A 363 -4.28 -2.82 -37.68
CA SER A 363 -5.72 -2.90 -37.98
C SER A 363 -6.23 -4.33 -37.76
N VAL A 364 -7.09 -4.51 -36.75
CA VAL A 364 -7.63 -5.82 -36.40
C VAL A 364 -9.16 -5.75 -36.27
N SER A 365 -9.87 -6.21 -37.31
CA SER A 365 -11.33 -6.27 -37.33
C SER A 365 -11.71 -7.74 -37.47
N LEU A 366 -11.93 -8.42 -36.31
CA LEU A 366 -12.23 -9.85 -36.26
C LEU A 366 -13.44 -10.17 -35.37
N ASP A 367 -14.21 -11.20 -35.75
CA ASP A 367 -15.40 -11.67 -35.05
C ASP A 367 -15.34 -13.19 -34.86
N LEU A 368 -15.37 -13.64 -33.60
CA LEU A 368 -15.32 -15.06 -33.26
C LEU A 368 -16.62 -15.48 -32.61
N PHE A 369 -17.04 -16.76 -32.79
CA PHE A 369 -18.30 -17.23 -32.24
C PHE A 369 -18.14 -18.53 -31.44
N THR A 370 -18.49 -18.42 -30.13
CA THR A 370 -18.41 -19.39 -29.04
C THR A 370 -18.95 -20.79 -29.40
N GLY A 371 -18.41 -21.80 -28.72
CA GLY A 371 -18.78 -23.20 -28.89
C GLY A 371 -17.87 -23.99 -29.81
N LYS A 372 -16.87 -23.33 -30.43
CA LYS A 372 -15.95 -23.99 -31.36
C LYS A 372 -14.48 -23.69 -31.04
N MET A 373 -13.57 -24.56 -31.56
CA MET A 373 -12.11 -24.49 -31.38
C MET A 373 -11.48 -23.60 -32.46
N TYR A 374 -10.69 -22.60 -32.03
CA TYR A 374 -10.00 -21.64 -32.90
C TYR A 374 -8.47 -21.75 -32.72
N SER A 375 -7.69 -21.14 -33.64
CA SER A 375 -6.22 -21.18 -33.57
C SER A 375 -5.55 -19.91 -34.09
N LEU A 376 -4.34 -19.61 -33.58
CA LEU A 376 -3.50 -18.47 -33.94
C LEU A 376 -2.03 -18.93 -34.17
N THR A 377 -1.59 -18.95 -35.45
CA THR A 377 -0.26 -19.38 -35.91
C THR A 377 0.43 -18.25 -36.72
N GLY A 378 1.64 -18.51 -37.23
CA GLY A 378 2.41 -17.57 -38.05
C GLY A 378 3.74 -17.10 -37.45
N PRO A 379 4.17 -15.84 -37.73
CA PRO A 379 5.42 -15.34 -37.13
C PRO A 379 5.26 -15.20 -35.62
N SER A 380 6.06 -16.00 -34.86
CA SER A 380 6.04 -16.14 -33.41
C SER A 380 6.04 -14.80 -32.63
N GLY A 381 5.07 -14.67 -31.72
CA GLY A 381 4.83 -13.53 -30.83
C GLY A 381 4.84 -12.13 -31.42
N SER A 382 4.63 -12.04 -32.75
CA SER A 382 4.64 -10.79 -33.53
C SER A 382 3.46 -9.85 -33.16
N GLY A 383 2.56 -10.35 -32.33
CA GLY A 383 1.37 -9.63 -31.85
C GLY A 383 0.22 -10.55 -31.59
N LYS A 384 0.47 -11.88 -31.68
CA LYS A 384 -0.51 -12.96 -31.47
C LYS A 384 -0.61 -13.33 -29.98
N SER A 385 0.54 -13.41 -29.29
CA SER A 385 0.62 -13.73 -27.87
C SER A 385 0.11 -12.55 -27.00
N THR A 386 0.37 -11.29 -27.45
CA THR A 386 -0.01 -10.02 -26.79
C THR A 386 -1.52 -9.71 -27.04
N LEU A 387 -2.04 -9.93 -28.27
CA LEU A 387 -3.44 -9.68 -28.66
C LEU A 387 -4.43 -10.20 -27.62
N VAL A 388 -4.23 -11.45 -27.19
CA VAL A 388 -5.10 -12.13 -26.23
C VAL A 388 -4.88 -11.63 -24.78
N LYS A 389 -3.70 -11.05 -24.48
CA LYS A 389 -3.36 -10.51 -23.14
C LYS A 389 -4.15 -9.21 -22.87
N ILE A 390 -4.32 -8.36 -23.89
CA ILE A 390 -5.10 -7.10 -23.80
C ILE A 390 -6.58 -7.45 -23.58
N ILE A 391 -7.03 -8.55 -24.24
CA ILE A 391 -8.37 -9.12 -24.18
C ILE A 391 -8.61 -9.67 -22.76
N SER A 392 -7.67 -10.49 -22.23
CA SER A 392 -7.74 -11.11 -20.91
C SER A 392 -7.76 -10.11 -19.74
N GLY A 393 -7.30 -8.88 -19.99
CA GLY A 393 -7.29 -7.81 -18.99
C GLY A 393 -5.95 -7.53 -18.36
N TYR A 394 -4.94 -7.21 -19.19
CA TYR A 394 -3.59 -6.88 -18.75
C TYR A 394 -3.32 -5.37 -18.94
N TYR A 395 -3.65 -4.83 -20.14
CA TYR A 395 -3.42 -3.43 -20.52
C TYR A 395 -4.68 -2.76 -21.11
N LYS A 396 -4.78 -1.41 -20.95
CA LYS A 396 -5.89 -0.58 -21.46
C LYS A 396 -5.35 0.58 -22.35
N ASN A 397 -4.09 0.43 -22.85
CA ASN A 397 -3.39 1.38 -23.71
C ASN A 397 -3.63 1.00 -25.20
N TYR A 398 -4.83 0.43 -25.50
CA TYR A 398 -5.21 -0.01 -26.84
C TYR A 398 -6.27 0.90 -27.50
N PHE A 399 -6.48 0.73 -28.82
CA PHE A 399 -7.45 1.49 -29.61
C PHE A 399 -8.67 0.63 -29.98
N GLY A 400 -9.82 1.28 -30.08
CA GLY A 400 -11.08 0.64 -30.43
C GLY A 400 -11.79 -0.02 -29.27
N ASP A 401 -12.67 -0.98 -29.58
CA ASP A 401 -13.46 -1.72 -28.60
C ASP A 401 -13.53 -3.21 -28.95
N ILE A 402 -13.53 -4.08 -27.89
CA ILE A 402 -13.62 -5.55 -28.00
C ILE A 402 -14.98 -6.02 -27.40
N TYR A 403 -16.01 -6.15 -28.27
CA TYR A 403 -17.38 -6.53 -27.90
C TYR A 403 -17.52 -8.05 -27.66
N LEU A 404 -18.18 -8.41 -26.54
CA LEU A 404 -18.45 -9.79 -26.12
C LEU A 404 -19.92 -9.90 -25.67
N ASN A 405 -20.82 -10.09 -26.67
CA ASN A 405 -22.28 -10.14 -26.57
C ASN A 405 -22.78 -8.79 -26.06
N ASP A 406 -22.81 -7.79 -26.98
CA ASP A 406 -23.28 -6.41 -26.83
C ASP A 406 -22.48 -5.56 -25.78
N ILE A 407 -21.38 -6.10 -25.19
CA ILE A 407 -20.58 -5.37 -24.20
C ILE A 407 -19.10 -5.35 -24.57
N SER A 408 -18.52 -4.14 -24.69
CA SER A 408 -17.10 -3.93 -24.99
C SER A 408 -16.27 -4.21 -23.75
N LEU A 409 -15.11 -4.88 -23.93
CA LEU A 409 -14.18 -5.29 -22.89
C LEU A 409 -13.60 -4.13 -22.08
N ARG A 410 -13.47 -2.95 -22.69
CA ARG A 410 -12.96 -1.75 -22.04
C ARG A 410 -13.92 -1.28 -20.92
N ASN A 411 -15.20 -1.75 -20.96
CA ASN A 411 -16.23 -1.37 -19.98
C ASN A 411 -16.28 -2.30 -18.75
N ILE A 412 -16.30 -3.64 -18.94
CA ILE A 412 -16.37 -4.65 -17.86
C ILE A 412 -15.18 -4.51 -16.91
N SER A 413 -15.46 -4.47 -15.59
CA SER A 413 -14.42 -4.39 -14.57
C SER A 413 -13.74 -5.75 -14.46
N ASP A 414 -12.44 -5.73 -14.07
CA ASP A 414 -11.53 -6.90 -13.95
C ASP A 414 -12.01 -8.00 -12.96
N GLU A 415 -13.03 -7.71 -12.12
CA GLU A 415 -13.58 -8.69 -11.19
C GLU A 415 -14.49 -9.68 -11.93
N ASP A 416 -15.37 -9.17 -12.84
CA ASP A 416 -16.29 -9.96 -13.67
C ASP A 416 -15.62 -10.46 -14.94
N LEU A 417 -14.59 -9.75 -15.42
CA LEU A 417 -13.85 -10.05 -16.64
C LEU A 417 -13.09 -11.38 -16.57
N ASN A 418 -12.44 -11.67 -15.43
CA ASN A 418 -11.64 -12.90 -15.24
C ASN A 418 -12.49 -14.15 -14.99
N ASP A 419 -13.80 -13.99 -14.74
CA ASP A 419 -14.74 -15.11 -14.49
C ASP A 419 -15.01 -15.91 -15.77
N ALA A 420 -15.08 -15.23 -16.93
CA ALA A 420 -15.35 -15.84 -18.24
C ALA A 420 -14.09 -15.97 -19.09
N ILE A 421 -13.17 -15.01 -18.99
CA ILE A 421 -11.96 -15.04 -19.80
C ILE A 421 -10.80 -15.54 -18.95
N TYR A 422 -10.49 -16.82 -19.12
CA TYR A 422 -9.41 -17.53 -18.47
C TYR A 422 -8.33 -17.75 -19.55
N TYR A 423 -7.07 -17.35 -19.27
CA TYR A 423 -5.97 -17.44 -20.23
C TYR A 423 -4.78 -18.24 -19.67
N LEU A 424 -4.26 -19.20 -20.47
CA LEU A 424 -3.13 -20.06 -20.09
C LEU A 424 -1.82 -19.63 -20.75
N THR A 425 -0.81 -19.30 -19.94
CA THR A 425 0.51 -18.85 -20.41
C THR A 425 1.55 -19.96 -20.26
N GLN A 426 2.75 -19.67 -20.79
CA GLN A 426 3.98 -20.47 -20.69
C GLN A 426 4.57 -20.18 -19.31
N ASP A 427 4.61 -18.86 -18.96
CA ASP A 427 5.04 -18.29 -17.69
C ASP A 427 3.91 -18.49 -16.69
N ASP A 428 3.99 -19.60 -15.94
CA ASP A 428 3.00 -19.98 -14.95
C ASP A 428 3.33 -19.29 -13.60
N TYR A 429 2.29 -19.03 -12.75
CA TYR A 429 2.40 -18.31 -11.47
C TYR A 429 2.03 -19.23 -10.28
N ILE A 430 3.05 -19.94 -9.72
CA ILE A 430 2.90 -20.88 -8.60
C ILE A 430 3.42 -20.23 -7.30
N PHE A 431 2.77 -20.58 -6.18
CA PHE A 431 3.06 -20.09 -4.84
C PHE A 431 4.06 -20.98 -4.09
N MET A 432 4.33 -20.62 -2.82
CA MET A 432 5.28 -21.26 -1.92
C MET A 432 4.55 -21.96 -0.75
N ASP A 433 3.59 -22.85 -1.07
CA ASP A 433 2.81 -23.56 -0.05
C ASP A 433 2.38 -24.96 -0.54
N THR A 434 1.44 -25.61 0.20
CA THR A 434 0.88 -26.94 -0.08
C THR A 434 0.18 -27.01 -1.44
N LEU A 435 -0.03 -28.25 -1.93
CA LEU A 435 -0.70 -28.57 -3.19
C LEU A 435 -2.13 -28.04 -3.18
N ARG A 436 -2.82 -28.21 -2.03
CA ARG A 436 -4.20 -27.77 -1.71
C ARG A 436 -4.40 -26.27 -1.95
N PHE A 437 -3.42 -25.44 -1.52
CA PHE A 437 -3.42 -23.98 -1.62
C PHE A 437 -3.60 -23.50 -3.05
N ASN A 438 -2.70 -23.92 -3.95
CA ASN A 438 -2.68 -23.57 -5.36
C ASN A 438 -3.92 -24.10 -6.09
N LEU A 439 -4.45 -25.24 -5.64
CA LEU A 439 -5.65 -25.85 -6.22
C LEU A 439 -6.89 -25.10 -5.75
N ARG A 440 -6.97 -24.77 -4.43
CA ARG A 440 -8.10 -24.03 -3.86
C ARG A 440 -8.01 -22.54 -4.24
N LEU A 441 -6.94 -22.15 -4.98
CA LEU A 441 -6.76 -20.80 -5.49
C LEU A 441 -7.74 -20.54 -6.64
N ALA A 442 -8.08 -21.59 -7.39
CA ALA A 442 -9.04 -21.51 -8.48
C ALA A 442 -10.46 -21.36 -7.93
N ASN A 443 -10.75 -21.95 -6.75
CA ASN A 443 -12.07 -21.89 -6.09
C ASN A 443 -12.02 -22.29 -4.61
N TYR A 444 -12.69 -21.50 -3.75
CA TYR A 444 -12.80 -21.79 -2.31
C TYR A 444 -14.04 -22.64 -2.04
N ASP A 445 -15.02 -22.59 -2.97
CA ASP A 445 -16.26 -23.37 -2.91
C ASP A 445 -16.02 -24.87 -3.20
N ALA A 446 -14.90 -25.22 -3.90
CA ALA A 446 -14.57 -26.61 -4.24
C ALA A 446 -13.80 -27.29 -3.10
N SER A 447 -14.43 -28.28 -2.46
CA SER A 447 -13.84 -29.05 -1.36
C SER A 447 -13.23 -30.35 -1.88
N GLU A 448 -12.42 -31.02 -1.04
CA GLU A 448 -11.63 -32.24 -1.26
C GLU A 448 -12.13 -33.25 -2.33
N ASN A 449 -13.46 -33.43 -2.49
CA ASN A 449 -14.06 -34.37 -3.44
C ASN A 449 -13.75 -34.00 -4.91
N GLU A 450 -14.08 -32.76 -5.32
CA GLU A 450 -13.84 -32.28 -6.69
C GLU A 450 -12.37 -31.94 -6.92
N ILE A 451 -11.61 -31.64 -5.82
CA ILE A 451 -10.18 -31.28 -5.87
C ILE A 451 -9.38 -32.47 -6.40
N PHE A 452 -9.59 -33.67 -5.81
CA PHE A 452 -8.91 -34.88 -6.24
C PHE A 452 -9.42 -35.34 -7.62
N LYS A 453 -10.67 -34.95 -7.99
CA LYS A 453 -11.33 -35.28 -9.26
C LYS A 453 -10.67 -34.55 -10.44
N VAL A 454 -10.33 -33.25 -10.26
CA VAL A 454 -9.68 -32.40 -11.28
C VAL A 454 -8.21 -32.88 -11.49
N LEU A 455 -7.56 -33.38 -10.41
CA LEU A 455 -6.18 -33.88 -10.38
C LEU A 455 -5.91 -35.01 -11.36
N LYS A 456 -6.84 -35.98 -11.50
CA LYS A 456 -6.70 -37.12 -12.42
C LYS A 456 -6.88 -36.70 -13.88
N LEU A 457 -7.57 -35.56 -14.14
CA LEU A 457 -7.82 -35.01 -15.47
C LEU A 457 -6.79 -33.90 -15.81
N ALA A 458 -6.01 -33.45 -14.80
CA ALA A 458 -4.93 -32.45 -14.90
C ALA A 458 -3.54 -33.09 -15.06
N ASN A 459 -3.49 -34.45 -15.14
CA ASN A 459 -2.31 -35.32 -15.33
C ASN A 459 -1.16 -35.04 -14.32
N LEU A 460 -1.52 -34.91 -13.01
CA LEU A 460 -0.56 -34.68 -11.92
C LEU A 460 -0.96 -35.40 -10.60
N SER A 461 -2.04 -36.21 -10.64
CA SER A 461 -2.52 -36.99 -9.49
C SER A 461 -1.52 -38.09 -9.16
N VAL A 462 -1.17 -38.92 -10.18
CA VAL A 462 -0.21 -40.05 -10.11
C VAL A 462 1.13 -39.61 -10.81
N VAL A 463 2.08 -39.03 -10.02
CA VAL A 463 3.40 -38.53 -10.47
C VAL A 463 4.49 -39.57 -10.09
N ASN A 464 5.26 -40.06 -11.12
CA ASN A 464 6.33 -41.06 -11.05
C ASN A 464 5.75 -42.47 -10.70
N ASN A 465 4.52 -42.76 -11.22
CA ASN A 465 3.68 -43.96 -11.02
C ASN A 465 3.26 -44.12 -9.52
N GLU A 466 3.18 -42.99 -8.77
CA GLU A 466 2.80 -42.92 -7.34
C GLU A 466 1.90 -41.68 -7.04
N PRO A 467 0.65 -41.87 -6.51
CA PRO A 467 -0.22 -40.71 -6.24
C PRO A 467 0.38 -39.68 -5.28
N VAL A 468 0.22 -38.39 -5.62
CA VAL A 468 0.72 -37.23 -4.86
C VAL A 468 -0.35 -36.80 -3.84
N SER A 469 0.05 -36.59 -2.56
CA SER A 469 -0.82 -36.12 -1.47
C SER A 469 -1.12 -34.62 -1.66
N LEU A 470 -2.24 -34.12 -1.09
CA LEU A 470 -2.66 -32.72 -1.24
C LEU A 470 -1.92 -31.77 -0.31
N ASP A 471 -1.06 -32.29 0.58
CA ASP A 471 -0.28 -31.47 1.52
C ASP A 471 1.18 -31.31 1.02
N THR A 472 1.45 -31.73 -0.25
CA THR A 472 2.75 -31.67 -0.94
C THR A 472 3.11 -30.21 -1.23
N HIS A 473 4.24 -29.76 -0.64
CA HIS A 473 4.74 -28.39 -0.75
C HIS A 473 5.30 -28.07 -2.15
N LEU A 474 5.48 -26.76 -2.43
CA LEU A 474 6.06 -26.23 -3.66
C LEU A 474 6.99 -25.05 -3.33
N ILE A 475 8.20 -25.07 -3.91
CA ILE A 475 9.25 -24.06 -3.71
C ILE A 475 9.04 -22.91 -4.75
N ASN A 476 9.38 -21.66 -4.34
CA ASN A 476 9.27 -20.40 -5.09
C ASN A 476 9.86 -20.48 -6.53
N ARG A 477 9.21 -19.78 -7.52
CA ARG A 477 9.57 -19.73 -8.95
C ARG A 477 9.44 -21.10 -9.64
N GLY A 478 8.63 -21.99 -9.04
CA GLY A 478 8.40 -23.35 -9.52
C GLY A 478 9.62 -24.23 -9.39
N ASN A 479 10.43 -24.01 -8.33
CA ASN A 479 11.68 -24.73 -8.03
C ASN A 479 11.42 -26.17 -7.53
N ASN A 480 10.16 -26.52 -7.19
CA ASN A 480 9.82 -27.87 -6.73
C ASN A 480 9.48 -28.82 -7.89
N TYR A 481 8.77 -28.34 -8.94
CA TYR A 481 8.34 -29.16 -10.08
C TYR A 481 9.07 -28.79 -11.40
N SER A 482 9.15 -29.77 -12.34
CA SER A 482 9.82 -29.67 -13.64
C SER A 482 9.03 -28.78 -14.65
N GLY A 483 9.64 -28.54 -15.82
CA GLY A 483 9.12 -27.72 -16.91
C GLY A 483 7.75 -28.12 -17.44
N GLY A 484 7.50 -29.42 -17.50
CA GLY A 484 6.23 -29.97 -17.94
C GLY A 484 5.15 -29.91 -16.88
N GLN A 485 5.53 -30.18 -15.60
CA GLN A 485 4.65 -30.19 -14.43
C GLN A 485 4.25 -28.77 -13.99
N LYS A 486 5.09 -27.74 -14.29
CA LYS A 486 4.83 -26.32 -14.01
C LYS A 486 3.66 -25.78 -14.84
N GLN A 487 3.52 -26.29 -16.10
CA GLN A 487 2.48 -25.94 -17.08
C GLN A 487 1.14 -26.63 -16.75
N ARG A 488 1.22 -27.90 -16.29
CA ARG A 488 0.09 -28.75 -15.90
C ARG A 488 -0.55 -28.27 -14.57
N ILE A 489 0.19 -27.46 -13.77
CA ILE A 489 -0.28 -26.85 -12.52
C ILE A 489 -1.23 -25.71 -12.94
N SER A 490 -0.88 -24.99 -14.02
CA SER A 490 -1.66 -23.91 -14.61
C SER A 490 -2.92 -24.49 -15.28
N LEU A 491 -2.92 -25.80 -15.59
CA LEU A 491 -4.02 -26.54 -16.23
C LEU A 491 -5.10 -27.02 -15.25
N ALA A 492 -4.73 -27.33 -13.99
CA ALA A 492 -5.65 -27.79 -12.95
C ALA A 492 -6.64 -26.68 -12.55
N ARG A 493 -6.17 -25.43 -12.60
CA ARG A 493 -6.94 -24.23 -12.27
C ARG A 493 -8.06 -24.01 -13.30
N LEU A 494 -7.88 -24.49 -14.54
CA LEU A 494 -8.84 -24.39 -15.63
C LEU A 494 -10.08 -25.24 -15.36
N PHE A 495 -9.90 -26.55 -15.07
CA PHE A 495 -11.02 -27.48 -14.82
C PHE A 495 -11.69 -27.22 -13.46
N LEU A 496 -10.95 -26.64 -12.49
CA LEU A 496 -11.47 -26.30 -11.16
C LEU A 496 -12.39 -25.06 -11.21
N ARG A 497 -12.19 -24.19 -12.21
CA ARG A 497 -13.00 -22.98 -12.44
C ARG A 497 -13.90 -23.22 -13.65
N LYS A 498 -14.81 -22.28 -13.98
CA LYS A 498 -15.68 -22.46 -15.14
C LYS A 498 -15.78 -21.18 -16.01
N PRO A 499 -15.00 -21.10 -17.11
CA PRO A 499 -15.03 -19.91 -17.97
C PRO A 499 -15.94 -20.06 -19.22
N ALA A 500 -16.17 -18.95 -19.96
CA ALA A 500 -17.02 -18.92 -21.18
C ALA A 500 -16.19 -18.69 -22.47
N ILE A 501 -14.97 -18.12 -22.34
CA ILE A 501 -14.01 -17.85 -23.43
C ILE A 501 -12.61 -18.24 -22.92
N ILE A 502 -12.07 -19.36 -23.43
CA ILE A 502 -10.77 -19.90 -22.99
C ILE A 502 -9.69 -19.58 -24.03
N ILE A 503 -8.52 -19.08 -23.57
CA ILE A 503 -7.39 -18.79 -24.44
C ILE A 503 -6.15 -19.56 -23.98
N ILE A 504 -5.43 -20.16 -24.94
CA ILE A 504 -4.22 -20.97 -24.73
C ILE A 504 -3.07 -20.39 -25.59
N ASP A 505 -1.87 -20.24 -24.99
CA ASP A 505 -0.66 -19.70 -25.65
C ASP A 505 0.57 -20.55 -25.32
N GLU A 506 1.23 -21.09 -26.38
CA GLU A 506 2.45 -21.90 -26.44
C GLU A 506 2.76 -22.65 -25.11
N ALA A 507 1.69 -23.19 -24.47
CA ALA A 507 1.72 -23.97 -23.23
C ALA A 507 1.90 -25.46 -23.55
N THR A 508 1.92 -25.76 -24.87
CA THR A 508 2.15 -27.07 -25.47
C THR A 508 3.62 -27.11 -26.02
N SER A 509 4.56 -26.36 -25.32
CA SER A 509 6.01 -26.25 -25.61
C SER A 509 6.80 -27.30 -24.80
N ALA A 510 6.33 -27.56 -23.55
CA ALA A 510 6.90 -28.53 -22.60
C ALA A 510 5.91 -29.71 -22.31
N LEU A 511 5.32 -30.32 -23.39
CA LEU A 511 4.37 -31.45 -23.33
C LEU A 511 4.44 -32.35 -24.62
N ASP A 512 4.07 -33.66 -24.46
CA ASP A 512 4.07 -34.71 -25.51
C ASP A 512 2.67 -35.33 -25.72
N TYR A 513 2.46 -36.04 -26.87
CA TYR A 513 1.20 -36.66 -27.37
C TYR A 513 0.47 -37.60 -26.38
N ILE A 514 1.18 -38.39 -25.54
CA ILE A 514 0.58 -39.35 -24.58
C ILE A 514 -0.27 -38.58 -23.51
N ASN A 515 0.09 -37.31 -23.26
CA ASN A 515 -0.58 -36.40 -22.29
C ASN A 515 -1.28 -35.21 -23.01
N GLU A 516 -0.91 -34.91 -24.29
CA GLU A 516 -1.50 -33.84 -25.12
C GLU A 516 -2.85 -34.26 -25.75
N SER A 517 -3.13 -35.59 -25.77
CA SER A 517 -4.37 -36.17 -26.28
C SER A 517 -5.43 -36.20 -25.17
N GLU A 518 -4.99 -36.42 -23.92
CA GLU A 518 -5.80 -36.50 -22.71
C GLU A 518 -6.17 -35.09 -22.15
N ILE A 519 -5.54 -34.00 -22.70
CA ILE A 519 -5.75 -32.61 -22.27
C ILE A 519 -6.53 -31.77 -23.32
N LEU A 520 -6.15 -31.85 -24.62
CA LEU A 520 -6.75 -31.06 -25.70
C LEU A 520 -8.22 -31.41 -25.96
N SER A 521 -8.65 -32.64 -25.64
CA SER A 521 -10.03 -33.11 -25.81
C SER A 521 -10.87 -32.91 -24.54
N SER A 522 -10.23 -32.92 -23.35
CA SER A 522 -10.90 -32.75 -22.06
C SER A 522 -11.47 -31.34 -21.90
N ILE A 523 -10.85 -30.34 -22.56
CA ILE A 523 -11.28 -28.94 -22.56
C ILE A 523 -12.57 -28.85 -23.39
N ARG A 524 -12.64 -29.61 -24.49
CA ARG A 524 -13.83 -29.72 -25.34
C ARG A 524 -14.93 -30.51 -24.61
N THR A 525 -14.52 -31.44 -23.72
CA THR A 525 -15.41 -32.29 -22.93
C THR A 525 -16.07 -31.44 -21.84
N HIS A 526 -15.25 -30.87 -20.93
CA HIS A 526 -15.70 -30.05 -19.80
C HIS A 526 -16.35 -28.74 -20.23
N PHE A 527 -15.75 -28.05 -21.22
CA PHE A 527 -16.24 -26.76 -21.70
C PHE A 527 -16.56 -26.83 -23.21
N PRO A 528 -17.75 -27.35 -23.58
CA PRO A 528 -18.08 -27.48 -25.01
C PRO A 528 -18.70 -26.21 -25.62
N ASP A 529 -19.58 -25.53 -24.87
CA ASP A 529 -20.27 -24.29 -25.29
C ASP A 529 -19.29 -23.09 -25.29
N ALA A 530 -18.10 -23.27 -24.67
CA ALA A 530 -17.07 -22.24 -24.54
C ALA A 530 -16.28 -22.01 -25.85
N LEU A 531 -15.70 -20.79 -25.97
CA LEU A 531 -14.86 -20.29 -27.07
C LEU A 531 -13.38 -20.63 -26.83
N ILE A 532 -12.94 -21.85 -27.22
CA ILE A 532 -11.56 -22.31 -27.01
C ILE A 532 -10.65 -21.69 -28.09
N ILE A 533 -9.58 -21.00 -27.66
CA ILE A 533 -8.58 -20.36 -28.51
C ILE A 533 -7.22 -20.92 -28.17
N ASN A 534 -6.47 -21.37 -29.18
CA ASN A 534 -5.12 -21.91 -28.99
C ASN A 534 -4.11 -21.14 -29.84
N ILE A 535 -2.90 -20.95 -29.29
CA ILE A 535 -1.79 -20.25 -29.96
C ILE A 535 -0.58 -21.17 -29.85
N SER A 536 -0.46 -22.09 -30.83
CA SER A 536 0.61 -23.08 -30.95
C SER A 536 0.71 -23.51 -32.42
N HIS A 537 1.89 -23.33 -33.03
CA HIS A 537 2.23 -23.60 -34.44
C HIS A 537 2.03 -25.09 -34.87
N ARG A 538 1.84 -26.03 -33.91
CA ARG A 538 1.68 -27.47 -34.18
C ARG A 538 0.51 -27.73 -35.13
N ILE A 539 0.79 -28.44 -36.26
CA ILE A 539 -0.11 -28.80 -37.37
C ILE A 539 -1.29 -29.69 -36.91
N ASN A 540 -1.04 -30.61 -35.96
CA ASN A 540 -2.03 -31.53 -35.38
C ASN A 540 -3.10 -30.78 -34.56
N LEU A 541 -2.73 -29.61 -33.97
CA LEU A 541 -3.61 -28.74 -33.16
C LEU A 541 -4.31 -27.69 -34.05
N LEU A 542 -3.68 -27.36 -35.18
CA LEU A 542 -4.14 -26.40 -36.20
C LEU A 542 -5.15 -27.04 -37.16
N GLU A 543 -5.25 -28.39 -37.16
CA GLU A 543 -6.14 -29.20 -38.00
C GLU A 543 -7.50 -29.45 -37.32
N CYS A 544 -7.50 -29.72 -35.98
CA CYS A 544 -8.69 -29.98 -35.16
C CYS A 544 -9.65 -28.77 -35.15
N SER A 545 -9.09 -27.56 -35.33
CA SER A 545 -9.75 -26.26 -35.33
C SER A 545 -10.78 -26.07 -36.45
N ASP A 546 -11.79 -25.22 -36.14
CA ASP A 546 -12.86 -24.81 -37.05
C ASP A 546 -12.41 -23.61 -37.86
N CYS A 547 -11.48 -22.80 -37.30
CA CYS A 547 -10.92 -21.61 -37.94
C CYS A 547 -9.50 -21.31 -37.43
N VAL A 548 -8.57 -21.07 -38.37
CA VAL A 548 -7.16 -20.73 -38.11
C VAL A 548 -6.89 -19.31 -38.59
N TYR A 549 -6.08 -18.54 -37.83
CA TYR A 549 -5.72 -17.16 -38.19
C TYR A 549 -4.21 -16.99 -38.27
N VAL A 550 -3.75 -16.13 -39.19
CA VAL A 550 -2.33 -15.79 -39.37
C VAL A 550 -2.17 -14.33 -38.95
N LEU A 551 -1.20 -14.06 -38.05
CA LEU A 551 -0.96 -12.72 -37.52
C LEU A 551 0.48 -12.24 -37.79
N ASN A 552 0.64 -11.36 -38.80
CA ASN A 552 1.94 -10.82 -39.23
C ASN A 552 2.18 -9.40 -38.68
N GLU A 553 3.07 -9.29 -37.67
CA GLU A 553 3.57 -8.08 -37.01
C GLU A 553 2.48 -7.10 -36.47
N GLY A 554 1.26 -7.60 -36.25
CA GLY A 554 0.17 -6.81 -35.70
C GLY A 554 -1.13 -6.89 -36.49
N ASN A 555 -1.06 -6.65 -37.81
CA ASN A 555 -2.22 -6.66 -38.70
C ASN A 555 -2.62 -8.09 -39.10
N ILE A 556 -3.94 -8.33 -39.28
CA ILE A 556 -4.48 -9.62 -39.71
C ILE A 556 -4.16 -9.79 -41.20
N VAL A 557 -3.79 -11.02 -41.60
CA VAL A 557 -3.44 -11.29 -42.98
C VAL A 557 -4.31 -12.42 -43.59
N ALA A 558 -4.48 -13.55 -42.87
CA ALA A 558 -5.27 -14.68 -43.39
C ALA A 558 -6.18 -15.30 -42.33
N SER A 559 -7.22 -16.02 -42.80
CA SER A 559 -8.23 -16.72 -42.00
C SER A 559 -8.85 -17.87 -42.81
N GLY A 560 -9.37 -18.88 -42.10
CA GLY A 560 -9.99 -20.05 -42.70
C GLY A 560 -9.46 -21.36 -42.17
N HIS A 561 -9.74 -22.47 -42.89
CA HIS A 561 -9.31 -23.81 -42.53
C HIS A 561 -7.81 -24.04 -42.79
N PHE A 562 -7.25 -25.13 -42.20
CA PHE A 562 -5.84 -25.51 -42.35
C PHE A 562 -5.55 -26.06 -43.76
N ARG A 563 -6.51 -26.77 -44.37
CA ARG A 563 -6.40 -27.38 -45.70
C ARG A 563 -6.44 -26.34 -46.83
N ASP A 564 -6.96 -25.12 -46.57
CA ASP A 564 -7.03 -24.02 -47.53
C ASP A 564 -5.84 -23.04 -47.38
N LEU A 565 -5.26 -22.95 -46.16
CA LEU A 565 -4.12 -22.07 -45.85
C LEU A 565 -2.78 -22.70 -46.26
N MET A 566 -2.69 -24.06 -46.28
CA MET A 566 -1.50 -24.80 -46.67
C MET A 566 -1.39 -24.90 -48.22
N VAL A 567 -2.40 -24.38 -48.94
CA VAL A 567 -2.50 -24.36 -50.41
C VAL A 567 -2.40 -22.88 -50.89
N SER A 568 -3.18 -21.97 -50.26
CA SER A 568 -3.21 -20.54 -50.57
C SER A 568 -1.86 -19.86 -50.21
N ASN A 569 -1.51 -19.76 -48.90
CA ASN A 569 -0.27 -19.15 -48.42
C ASN A 569 0.88 -20.18 -48.40
N GLU A 570 2.13 -19.70 -48.26
CA GLU A 570 3.31 -20.56 -48.27
C GLU A 570 3.92 -20.82 -46.88
N TYR A 571 3.49 -20.08 -45.82
CA TYR A 571 3.98 -20.35 -44.46
C TYR A 571 3.35 -21.64 -43.93
N ILE A 572 2.00 -21.76 -44.05
CA ILE A 572 1.23 -22.92 -43.61
C ILE A 572 1.60 -24.12 -44.52
N SER A 573 2.09 -23.84 -45.75
CA SER A 573 2.57 -24.84 -46.69
C SER A 573 3.98 -25.30 -46.29
N GLY A 574 4.76 -24.40 -45.67
CA GLY A 574 6.12 -24.64 -45.19
C GLY A 574 6.21 -25.02 -43.73
N LEU A 575 5.04 -25.27 -43.10
CA LEU A 575 4.84 -25.69 -41.70
C LEU A 575 4.27 -27.10 -41.68
N ALA A 576 3.47 -27.45 -42.73
CA ALA A 576 2.83 -28.75 -42.95
C ALA A 576 3.76 -29.74 -43.67
N SER A 577 4.95 -29.27 -44.10
CA SER A 577 5.99 -30.10 -44.75
C SER A 577 7.01 -30.59 -43.70
N VAL A 578 6.95 -30.00 -42.48
CA VAL A 578 7.78 -30.32 -41.31
C VAL A 578 6.86 -31.07 -40.31
N THR A 579 6.66 -32.39 -40.57
CA THR A 579 5.83 -33.30 -39.78
C THR A 579 6.69 -34.39 -39.14
#